data_2AOU
#
_entry.id   2AOU
#
_cell.length_a   130.890
_cell.length_b   130.890
_cell.length_c   63.320
_cell.angle_alpha   90.00
_cell.angle_beta   90.00
_cell.angle_gamma   120.00
#
_symmetry.space_group_name_H-M   'P 6'
#
loop_
_entity.id
_entity.type
_entity.pdbx_description
1 polymer 'Histamine N-methyltransferase'
2 polymer 'Histamine N-methyltransferase'
3 non-polymer 4-[(7-CHLOROQUINOLIN-4-YL)AMINO]-2-[(DIETHYLAMINO)METHYL]PHENOL
4 water water
#
loop_
_entity_poly.entity_id
_entity_poly.type
_entity_poly.pdbx_seq_one_letter_code
_entity_poly.pdbx_strand_id
1 'polypeptide(L)'
;MASSMRSLFSDHGKYVESFRRFLNHSTEHQCMQEFMDKKLPGIIGRIGDTKSEIKILSIGGGAGEIDLQILSKVQAQYPG
VCINNEVVEPSAEQIAKYKELVAKTSNLENVKFAWHKETSSEYQSRMLEKKELQKWDFIHMIQMLYYVKDIPATLKFFHS
LLGTNAKMLIIVVSGSSGWDKLWKKYGSRFPQDDLCQYITSDDLTQMLDNLGLKYE(CSO)YDLLSTMDISDCFIDGNEN
GDLLWDFLTET(DCY)NFNATAPPDLRAELGKDLQEPEFSAKKEGKVLFNNTLSFIVIEA
;
A
2 'polypeptide(L)'
;MASSMRSLFSDHGKYVESFRRFLNHSTEHQCMQEFMDKKLPGIIGRIGDTKSEIKILSIGGGAGEIDLQILSKVQAQYPG
V(CSO)INNEVVEPSAEQIAKYKELVAKTSNLENVKFAWHKETSSEYQSRMLEKKELQKWDFIHMIQMLYYVKDIPATLK
FFHSLLGTNAKMLIIVVSGSSGWDKLWKKYGSRFPQDDLCQYITSDDLTQMLDNLGLKYECYDLLSTMDISDCFIDGNEN
GDLLWDFLTETCNFNATAPPDLRAELGKDLQEPEFSAKKEGKVLFNNTLSFIVIEA
;
B
#
# COMPACT_ATOMS: atom_id res chain seq x y z
N MET A 5 16.75 9.91 -25.52
CA MET A 5 17.32 10.19 -24.22
C MET A 5 18.18 9.04 -23.75
N ARG A 6 18.80 9.17 -22.59
CA ARG A 6 19.61 8.07 -22.10
C ARG A 6 19.62 8.02 -20.59
N SER A 7 19.39 6.83 -20.05
CA SER A 7 19.33 6.71 -18.62
C SER A 7 20.49 7.48 -17.97
N LEU A 8 20.20 8.15 -16.87
CA LEU A 8 21.20 8.91 -16.12
C LEU A 8 22.41 8.02 -15.78
N PHE A 9 22.14 6.78 -15.39
CA PHE A 9 23.20 5.84 -15.04
C PHE A 9 24.30 5.81 -16.09
N SER A 10 23.96 6.18 -17.32
CA SER A 10 24.90 6.19 -18.43
C SER A 10 26.07 7.17 -18.25
N ASP A 11 25.79 8.45 -18.41
CA ASP A 11 26.82 9.48 -18.28
C ASP A 11 27.25 9.63 -16.82
N HIS A 12 28.16 8.76 -16.41
CA HIS A 12 28.69 8.76 -15.05
C HIS A 12 28.91 10.19 -14.57
N GLY A 13 29.30 11.06 -15.51
CA GLY A 13 29.55 12.45 -15.19
C GLY A 13 28.43 13.09 -14.38
N LYS A 14 27.30 13.37 -15.03
CA LYS A 14 26.17 13.98 -14.36
C LYS A 14 25.49 13.07 -13.35
N TYR A 15 25.54 11.77 -13.61
CA TYR A 15 24.94 10.79 -12.71
C TYR A 15 25.37 11.08 -11.28
N VAL A 16 26.66 11.33 -11.10
CA VAL A 16 27.21 11.61 -9.79
C VAL A 16 26.92 13.04 -9.35
N GLU A 17 26.87 13.96 -10.31
CA GLU A 17 26.62 15.36 -9.98
C GLU A 17 25.15 15.68 -9.70
N SER A 18 24.24 14.99 -10.37
CA SER A 18 22.82 15.22 -10.15
C SER A 18 22.44 14.72 -8.76
N PHE A 19 23.10 13.66 -8.32
CA PHE A 19 22.84 13.09 -7.01
C PHE A 19 23.32 14.04 -5.92
N ARG A 20 24.45 14.69 -6.18
CA ARG A 20 25.03 15.64 -5.23
C ARG A 20 24.03 16.75 -4.96
N ARG A 21 23.51 17.36 -6.03
CA ARG A 21 22.54 18.42 -5.90
C ARG A 21 21.27 17.91 -5.20
N PHE A 22 20.95 16.63 -5.44
CA PHE A 22 19.77 16.02 -4.84
C PHE A 22 19.86 16.05 -3.32
N LEU A 23 20.99 15.60 -2.79
CA LEU A 23 21.18 15.59 -1.35
C LEU A 23 21.19 17.00 -0.78
N ASN A 24 21.75 17.95 -1.53
CA ASN A 24 21.81 19.33 -1.06
C ASN A 24 20.48 20.04 -1.23
N HIS A 25 19.55 19.41 -1.95
CA HIS A 25 18.23 20.00 -2.17
C HIS A 25 17.09 19.10 -1.71
N SER A 26 17.39 18.20 -0.77
CA SER A 26 16.39 17.30 -0.23
C SER A 26 16.71 17.00 1.23
N THR A 27 15.81 16.28 1.89
CA THR A 27 16.00 15.94 3.28
C THR A 27 16.31 14.45 3.40
N GLU A 28 16.76 13.87 2.29
CA GLU A 28 17.09 12.45 2.23
C GLU A 28 17.95 11.96 3.39
N HIS A 29 19.08 12.63 3.63
N HIS A 29 19.06 12.66 3.61
CA HIS A 29 19.94 12.21 4.72
CA HIS A 29 19.99 12.32 4.68
C HIS A 29 19.37 12.49 6.10
C HIS A 29 19.36 12.49 6.06
N GLN A 30 18.68 13.62 6.25
CA GLN A 30 18.06 13.93 7.53
C GLN A 30 17.01 12.87 7.88
N CYS A 31 16.24 12.46 6.87
CA CYS A 31 15.20 11.45 7.04
C CYS A 31 15.82 10.13 7.53
N MET A 32 16.86 9.68 6.83
CA MET A 32 17.55 8.46 7.19
C MET A 32 18.18 8.57 8.59
N GLN A 33 18.81 9.71 8.85
CA GLN A 33 19.45 9.94 10.14
C GLN A 33 18.40 9.89 11.25
N GLU A 34 17.21 10.40 10.96
CA GLU A 34 16.12 10.42 11.93
C GLU A 34 15.75 8.97 12.25
N PHE A 35 15.73 8.13 11.22
CA PHE A 35 15.39 6.74 11.41
C PHE A 35 16.44 6.02 12.26
N MET A 36 17.71 6.31 11.98
CA MET A 36 18.81 5.69 12.71
C MET A 36 18.80 6.05 14.19
N ASP A 37 18.44 7.30 14.49
CA ASP A 37 18.40 7.76 15.88
C ASP A 37 17.18 7.30 16.65
N LYS A 38 16.02 7.36 16.01
CA LYS A 38 14.77 7.00 16.72
C LYS A 38 14.32 5.55 16.60
N LYS A 39 14.62 4.89 15.47
CA LYS A 39 14.12 3.52 15.29
C LYS A 39 15.17 2.41 15.30
N LEU A 40 16.35 2.68 14.75
CA LEU A 40 17.39 1.66 14.67
C LEU A 40 17.82 1.02 16.00
N PRO A 41 18.14 1.83 17.03
CA PRO A 41 18.54 1.23 18.30
C PRO A 41 17.63 0.08 18.69
N GLY A 42 16.32 0.32 18.62
CA GLY A 42 15.36 -0.71 18.97
C GLY A 42 15.35 -1.91 18.03
N ILE A 43 15.68 -1.68 16.76
CA ILE A 43 15.69 -2.73 15.76
C ILE A 43 16.89 -3.68 15.85
N ILE A 44 18.04 -3.14 16.22
CA ILE A 44 19.27 -3.93 16.32
C ILE A 44 19.60 -4.33 17.74
N GLY A 45 18.66 -4.09 18.66
CA GLY A 45 18.86 -4.39 20.06
C GLY A 45 19.38 -5.74 20.50
N ARG A 46 19.14 -6.79 19.72
CA ARG A 46 19.60 -8.12 20.09
C ARG A 46 20.46 -8.81 19.03
N ILE A 47 20.82 -8.11 17.97
CA ILE A 47 21.61 -8.75 16.92
C ILE A 47 23.00 -9.16 17.39
N GLY A 48 23.49 -8.53 18.45
CA GLY A 48 24.82 -8.89 18.96
C GLY A 48 24.82 -9.82 20.16
N ASP A 49 23.64 -10.25 20.61
CA ASP A 49 23.55 -11.11 21.79
C ASP A 49 24.25 -12.45 21.62
N THR A 50 25.06 -12.80 22.62
CA THR A 50 25.85 -14.04 22.69
C THR A 50 27.01 -14.06 21.70
N LYS A 51 27.23 -12.97 20.99
CA LYS A 51 28.30 -12.94 20.00
C LYS A 51 29.49 -12.08 20.40
N SER A 52 30.69 -12.58 20.13
CA SER A 52 31.92 -11.86 20.46
C SER A 52 32.33 -11.08 19.22
N GLU A 53 31.49 -11.17 18.20
CA GLU A 53 31.69 -10.44 16.96
C GLU A 53 30.35 -10.14 16.33
N ILE A 54 30.22 -8.96 15.74
CA ILE A 54 28.99 -8.58 15.08
C ILE A 54 29.34 -8.35 13.62
N LYS A 55 28.69 -9.11 12.73
CA LYS A 55 28.94 -9.00 11.30
C LYS A 55 27.88 -8.17 10.61
N ILE A 56 28.32 -7.09 9.97
CA ILE A 56 27.44 -6.18 9.26
C ILE A 56 27.83 -6.14 7.80
N LEU A 57 26.86 -6.43 6.94
CA LEU A 57 27.09 -6.43 5.50
C LEU A 57 26.37 -5.26 4.86
N SER A 58 27.15 -4.37 4.26
CA SER A 58 26.59 -3.21 3.62
C SER A 58 26.49 -3.45 2.12
N ILE A 59 25.27 -3.67 1.63
CA ILE A 59 25.08 -3.89 0.20
C ILE A 59 24.81 -2.53 -0.43
N GLY A 60 25.61 -2.19 -1.43
CA GLY A 60 25.41 -0.92 -2.10
C GLY A 60 25.82 0.27 -1.27
N GLY A 61 26.75 0.04 -0.35
CA GLY A 61 27.22 1.15 0.46
C GLY A 61 27.85 2.14 -0.50
N GLY A 62 27.44 3.39 -0.41
CA GLY A 62 28.01 4.41 -1.28
C GLY A 62 29.30 4.86 -0.65
N ALA A 63 29.34 6.12 -0.21
CA ALA A 63 30.54 6.64 0.44
C ALA A 63 30.55 6.19 1.90
N GLY A 64 29.47 5.55 2.34
CA GLY A 64 29.40 5.04 3.70
C GLY A 64 28.97 5.94 4.85
N GLU A 65 28.51 7.14 4.55
CA GLU A 65 28.09 8.08 5.58
C GLU A 65 26.94 7.56 6.46
N ILE A 66 26.02 6.81 5.85
CA ILE A 66 24.90 6.24 6.59
C ILE A 66 25.43 4.98 7.28
N ASP A 67 26.35 4.31 6.60
CA ASP A 67 26.98 3.09 7.11
C ASP A 67 27.58 3.35 8.49
N LEU A 68 28.31 4.45 8.61
CA LEU A 68 28.97 4.82 9.85
C LEU A 68 28.00 5.16 10.98
N GLN A 69 26.86 5.75 10.62
CA GLN A 69 25.87 6.10 11.61
C GLN A 69 25.30 4.79 12.17
N ILE A 70 24.99 3.86 11.27
CA ILE A 70 24.45 2.57 11.69
C ILE A 70 25.48 1.90 12.62
N LEU A 71 26.75 1.95 12.24
CA LEU A 71 27.82 1.37 13.05
C LEU A 71 27.81 2.02 14.43
N SER A 72 27.60 3.32 14.42
CA SER A 72 27.57 4.11 15.65
C SER A 72 26.54 3.55 16.61
N LYS A 73 25.35 3.27 16.09
CA LYS A 73 24.26 2.74 16.90
C LYS A 73 24.59 1.33 17.40
N VAL A 74 25.21 0.54 16.53
CA VAL A 74 25.56 -0.81 16.92
C VAL A 74 26.57 -0.79 18.05
N GLN A 75 27.62 -0.01 17.91
CA GLN A 75 28.63 0.06 18.97
C GLN A 75 27.99 0.51 20.27
N ALA A 76 27.06 1.45 20.20
CA ALA A 76 26.37 1.95 21.38
C ALA A 76 25.62 0.83 22.13
N GLN A 77 25.01 -0.10 21.40
CA GLN A 77 24.27 -1.20 22.04
C GLN A 77 25.23 -2.29 22.55
N TYR A 78 26.34 -2.46 21.86
CA TYR A 78 27.33 -3.47 22.20
C TYR A 78 28.73 -2.90 22.39
N PRO A 79 28.91 -2.09 23.45
CA PRO A 79 30.23 -1.50 23.70
C PRO A 79 31.34 -2.55 23.82
N GLY A 80 32.47 -2.28 23.16
CA GLY A 80 33.60 -3.19 23.21
C GLY A 80 33.61 -4.34 22.22
N VAL A 81 32.45 -4.68 21.64
CA VAL A 81 32.37 -5.78 20.70
C VAL A 81 32.92 -5.45 19.31
N CYS A 82 33.83 -6.29 18.83
CA CYS A 82 34.43 -6.10 17.51
C CYS A 82 33.35 -6.18 16.43
N ILE A 83 33.41 -5.25 15.49
CA ILE A 83 32.44 -5.23 14.42
C ILE A 83 33.14 -5.45 13.09
N ASN A 84 32.62 -6.41 12.31
CA ASN A 84 33.17 -6.69 11.01
C ASN A 84 32.14 -6.14 10.01
N ASN A 85 32.51 -5.05 9.36
CA ASN A 85 31.63 -4.37 8.40
C ASN A 85 32.12 -4.56 6.97
N GLU A 86 31.51 -5.48 6.24
CA GLU A 86 31.91 -5.70 4.86
C GLU A 86 31.01 -4.91 3.92
N VAL A 87 31.62 -4.31 2.90
CA VAL A 87 30.89 -3.49 1.96
C VAL A 87 31.00 -3.99 0.52
N VAL A 88 29.84 -4.27 -0.08
CA VAL A 88 29.75 -4.74 -1.46
C VAL A 88 29.39 -3.54 -2.32
N GLU A 89 30.36 -3.06 -3.10
CA GLU A 89 30.15 -1.88 -3.95
C GLU A 89 30.96 -2.00 -5.24
N PRO A 90 30.28 -1.95 -6.40
CA PRO A 90 30.92 -2.06 -7.72
C PRO A 90 31.79 -0.87 -8.13
N SER A 91 31.43 0.32 -7.68
CA SER A 91 32.19 1.53 -8.02
C SER A 91 33.49 1.66 -7.27
N ALA A 92 34.60 1.65 -8.00
CA ALA A 92 35.91 1.79 -7.41
C ALA A 92 35.98 3.20 -6.81
N GLU A 93 35.22 4.11 -7.40
CA GLU A 93 35.18 5.50 -6.95
C GLU A 93 34.51 5.65 -5.60
N GLN A 94 33.37 4.99 -5.41
CA GLN A 94 32.67 5.06 -4.13
C GLN A 94 33.53 4.43 -3.05
N ILE A 95 34.13 3.29 -3.37
CA ILE A 95 34.99 2.59 -2.44
C ILE A 95 36.10 3.53 -1.94
N ALA A 96 36.73 4.25 -2.88
CA ALA A 96 37.81 5.18 -2.53
C ALA A 96 37.31 6.25 -1.58
N LYS A 97 36.10 6.74 -1.82
CA LYS A 97 35.51 7.77 -0.97
C LYS A 97 35.19 7.19 0.41
N TYR A 98 34.59 6.00 0.41
CA TYR A 98 34.23 5.33 1.65
C TYR A 98 35.46 5.17 2.53
N LYS A 99 36.56 4.71 1.92
CA LYS A 99 37.82 4.53 2.63
C LYS A 99 38.34 5.82 3.25
N GLU A 100 38.35 6.90 2.46
CA GLU A 100 38.84 8.19 2.96
C GLU A 100 37.98 8.67 4.13
N LEU A 101 36.68 8.43 4.06
CA LEU A 101 35.75 8.82 5.12
C LEU A 101 36.14 8.05 6.40
N VAL A 102 36.27 6.73 6.25
CA VAL A 102 36.65 5.88 7.36
C VAL A 102 37.95 6.35 8.01
N ALA A 103 38.92 6.72 7.17
CA ALA A 103 40.21 7.18 7.66
C ALA A 103 40.12 8.49 8.44
N LYS A 104 39.15 9.32 8.09
CA LYS A 104 38.99 10.59 8.78
C LYS A 104 38.06 10.48 9.99
N THR A 105 37.39 9.34 10.14
CA THR A 105 36.45 9.14 11.24
C THR A 105 37.08 8.54 12.48
N SER A 106 36.82 9.16 13.63
CA SER A 106 37.35 8.68 14.89
C SER A 106 36.44 7.61 15.48
N ASN A 107 36.97 6.87 16.46
CA ASN A 107 36.22 5.82 17.14
C ASN A 107 35.76 4.68 16.23
N LEU A 108 36.69 4.16 15.43
CA LEU A 108 36.41 3.06 14.54
C LEU A 108 37.46 1.97 14.74
N GLU A 109 38.18 2.09 15.86
CA GLU A 109 39.22 1.12 16.22
C GLU A 109 38.63 -0.29 16.33
N ASN A 110 37.46 -0.37 16.95
CA ASN A 110 36.76 -1.63 17.16
C ASN A 110 36.10 -2.17 15.90
N VAL A 111 36.28 -1.47 14.79
CA VAL A 111 35.65 -1.90 13.55
C VAL A 111 36.65 -2.23 12.45
N LYS A 112 36.44 -3.37 11.81
CA LYS A 112 37.29 -3.82 10.71
C LYS A 112 36.45 -3.70 9.44
N PHE A 113 36.94 -2.94 8.47
CA PHE A 113 36.21 -2.79 7.21
C PHE A 113 36.79 -3.62 6.09
N ALA A 114 35.91 -4.01 5.16
CA ALA A 114 36.32 -4.78 4.00
C ALA A 114 35.44 -4.34 2.84
N TRP A 115 36.07 -4.05 1.71
CA TRP A 115 35.33 -3.62 0.54
C TRP A 115 35.44 -4.64 -0.58
N HIS A 116 34.30 -4.95 -1.20
CA HIS A 116 34.26 -5.90 -2.30
C HIS A 116 33.77 -5.11 -3.49
N LYS A 117 34.65 -4.93 -4.47
CA LYS A 117 34.33 -4.19 -5.67
C LYS A 117 33.53 -5.07 -6.61
N GLU A 118 32.23 -5.13 -6.38
CA GLU A 118 31.36 -5.95 -7.21
C GLU A 118 29.91 -5.63 -6.88
N THR A 119 29.00 -6.20 -7.66
CA THR A 119 27.57 -5.98 -7.46
C THR A 119 27.06 -7.05 -6.51
N SER A 120 25.93 -6.79 -5.88
CA SER A 120 25.34 -7.74 -4.95
C SER A 120 25.14 -9.07 -5.64
N SER A 121 24.88 -9.01 -6.93
CA SER A 121 24.66 -10.19 -7.75
C SER A 121 25.94 -11.02 -7.88
N GLU A 122 27.03 -10.38 -8.25
CA GLU A 122 28.31 -11.06 -8.39
C GLU A 122 28.70 -11.65 -7.03
N TYR A 123 28.52 -10.85 -5.97
CA TYR A 123 28.84 -11.29 -4.62
C TYR A 123 28.09 -12.57 -4.30
N GLN A 124 26.82 -12.59 -4.69
CA GLN A 124 25.94 -13.73 -4.49
C GLN A 124 26.52 -14.97 -5.17
N SER A 125 26.83 -14.83 -6.45
CA SER A 125 27.40 -15.94 -7.22
C SER A 125 28.67 -16.47 -6.58
N ARG A 126 29.55 -15.55 -6.20
CA ARG A 126 30.82 -15.94 -5.59
C ARG A 126 30.64 -16.69 -4.28
N MET A 127 29.67 -16.28 -3.47
CA MET A 127 29.41 -16.94 -2.19
C MET A 127 28.79 -18.33 -2.38
N LEU A 128 27.92 -18.47 -3.37
CA LEU A 128 27.25 -19.75 -3.63
C LEU A 128 28.22 -20.87 -3.99
N GLU A 129 29.44 -20.50 -4.37
CA GLU A 129 30.45 -21.48 -4.75
C GLU A 129 31.19 -22.02 -3.53
N LYS A 130 31.36 -21.15 -2.54
CA LYS A 130 32.06 -21.51 -1.31
C LYS A 130 31.57 -22.79 -0.68
N LYS A 131 32.39 -23.34 0.21
CA LYS A 131 32.08 -24.58 0.92
C LYS A 131 30.82 -24.42 1.76
N GLU A 132 30.55 -23.20 2.21
CA GLU A 132 29.38 -22.96 3.03
C GLU A 132 29.04 -21.47 3.08
N LEU A 133 27.78 -21.17 3.35
CA LEU A 133 27.33 -19.79 3.44
C LEU A 133 27.65 -19.24 4.83
N GLN A 134 28.26 -18.06 4.86
CA GLN A 134 28.59 -17.42 6.12
C GLN A 134 27.40 -16.58 6.55
N LYS A 135 27.18 -16.45 7.85
CA LYS A 135 26.06 -15.67 8.35
C LYS A 135 26.44 -14.25 8.74
N TRP A 136 25.43 -13.37 8.74
CA TRP A 136 25.61 -11.98 9.10
C TRP A 136 24.57 -11.64 10.14
N ASP A 137 24.86 -10.65 10.98
CA ASP A 137 23.97 -10.22 12.04
C ASP A 137 23.10 -9.05 11.61
N PHE A 138 23.60 -8.29 10.66
CA PHE A 138 22.85 -7.16 10.14
C PHE A 138 23.25 -6.92 8.68
N ILE A 139 22.25 -6.88 7.82
CA ILE A 139 22.47 -6.63 6.40
C ILE A 139 21.58 -5.45 5.99
N HIS A 140 22.15 -4.49 5.27
CA HIS A 140 21.35 -3.35 4.82
C HIS A 140 21.56 -3.05 3.34
N MET A 141 20.46 -2.68 2.69
CA MET A 141 20.44 -2.39 1.26
C MET A 141 19.76 -1.04 1.09
N ILE A 142 20.54 0.01 1.20
CA ILE A 142 20.01 1.35 1.12
C ILE A 142 20.00 1.98 -0.25
N GLN A 143 18.80 2.28 -0.73
CA GLN A 143 18.60 2.92 -2.03
C GLN A 143 19.40 2.30 -3.15
N MET A 144 19.30 0.99 -3.32
CA MET A 144 20.07 0.36 -4.38
C MET A 144 19.39 -0.83 -5.03
N LEU A 145 18.20 -1.19 -4.58
CA LEU A 145 17.49 -2.32 -5.20
C LEU A 145 17.07 -1.93 -6.61
N TYR A 146 17.09 -0.63 -6.88
CA TYR A 146 16.73 -0.10 -8.19
C TYR A 146 17.70 -0.63 -9.25
N TYR A 147 18.95 -0.90 -8.85
CA TYR A 147 20.00 -1.34 -9.76
C TYR A 147 20.28 -2.82 -9.70
N VAL A 148 19.33 -3.61 -9.20
CA VAL A 148 19.47 -5.06 -9.11
C VAL A 148 18.65 -5.75 -10.19
N LYS A 149 19.24 -6.77 -10.81
CA LYS A 149 18.56 -7.50 -11.88
C LYS A 149 17.40 -8.33 -11.33
N ASP A 150 17.71 -9.21 -10.37
CA ASP A 150 16.70 -10.09 -9.79
C ASP A 150 16.45 -9.72 -8.33
N ILE A 151 15.43 -8.90 -8.09
CA ILE A 151 15.12 -8.46 -6.73
C ILE A 151 14.63 -9.57 -5.79
N PRO A 152 13.68 -10.40 -6.23
CA PRO A 152 13.23 -11.47 -5.32
C PRO A 152 14.35 -12.43 -4.97
N ALA A 153 15.24 -12.68 -5.93
CA ALA A 153 16.36 -13.59 -5.70
C ALA A 153 17.37 -12.95 -4.75
N THR A 154 17.45 -11.63 -4.80
CA THR A 154 18.37 -10.90 -3.95
C THR A 154 17.84 -10.92 -2.52
N LEU A 155 16.54 -10.63 -2.38
CA LEU A 155 15.89 -10.63 -1.07
C LEU A 155 16.00 -12.01 -0.44
N LYS A 156 15.66 -13.03 -1.23
CA LYS A 156 15.71 -14.39 -0.73
C LYS A 156 17.12 -14.83 -0.37
N PHE A 157 18.10 -14.50 -1.22
CA PHE A 157 19.47 -14.89 -0.94
C PHE A 157 20.02 -14.22 0.31
N PHE A 158 19.91 -12.90 0.39
CA PHE A 158 20.45 -12.18 1.54
C PHE A 158 19.71 -12.51 2.83
N HIS A 159 18.43 -12.85 2.73
CA HIS A 159 17.70 -13.22 3.92
C HIS A 159 18.26 -14.54 4.43
N SER A 160 18.69 -15.41 3.50
CA SER A 160 19.24 -16.71 3.88
C SER A 160 20.61 -16.56 4.54
N LEU A 161 21.20 -15.37 4.44
CA LEU A 161 22.49 -15.12 5.05
C LEU A 161 22.37 -14.59 6.49
N LEU A 162 21.13 -14.36 6.93
CA LEU A 162 20.86 -13.85 8.27
C LEU A 162 21.04 -14.89 9.37
N GLY A 163 21.84 -14.56 10.38
CA GLY A 163 22.06 -15.47 11.48
C GLY A 163 20.96 -15.36 12.52
N THR A 164 21.19 -15.95 13.69
CA THR A 164 20.22 -15.94 14.77
C THR A 164 19.98 -14.52 15.28
N ASN A 165 18.71 -14.14 15.31
CA ASN A 165 18.31 -12.80 15.75
C ASN A 165 18.82 -11.73 14.80
N ALA A 166 19.30 -12.15 13.63
CA ALA A 166 19.82 -11.19 12.67
C ALA A 166 18.69 -10.40 12.02
N LYS A 167 19.05 -9.25 11.47
CA LYS A 167 18.07 -8.38 10.84
C LYS A 167 18.56 -7.84 9.49
N MET A 168 17.62 -7.58 8.59
CA MET A 168 17.96 -7.05 7.26
C MET A 168 17.12 -5.79 7.00
N LEU A 169 17.80 -4.67 6.74
CA LEU A 169 17.12 -3.41 6.48
C LEU A 169 17.23 -2.99 5.02
N ILE A 170 16.09 -2.62 4.46
CA ILE A 170 16.02 -2.17 3.08
C ILE A 170 15.38 -0.81 3.07
N ILE A 171 15.93 0.09 2.26
CA ILE A 171 15.36 1.43 2.12
C ILE A 171 15.18 1.75 0.65
N VAL A 172 13.98 2.23 0.31
CA VAL A 172 13.68 2.62 -1.07
C VAL A 172 12.58 3.66 -0.92
N VAL A 173 12.21 4.32 -2.02
CA VAL A 173 11.16 5.31 -1.92
C VAL A 173 9.85 4.58 -1.71
N SER A 174 8.97 5.24 -0.97
CA SER A 174 7.66 4.70 -0.65
C SER A 174 6.67 4.72 -1.80
N GLY A 175 5.66 3.86 -1.70
CA GLY A 175 4.62 3.80 -2.72
C GLY A 175 3.68 4.99 -2.63
N SER A 176 3.78 5.76 -1.55
CA SER A 176 2.94 6.93 -1.38
C SER A 176 3.75 8.18 -1.71
N SER A 177 4.96 7.98 -2.22
CA SER A 177 5.84 9.09 -2.57
C SER A 177 5.49 9.65 -3.94
N GLY A 178 6.07 10.80 -4.26
CA GLY A 178 5.81 11.43 -5.54
C GLY A 178 6.46 10.66 -6.68
N TRP A 179 7.47 9.87 -6.35
CA TRP A 179 8.15 9.06 -7.37
C TRP A 179 7.21 8.04 -7.96
N ASP A 180 6.39 7.43 -7.10
CA ASP A 180 5.41 6.45 -7.53
C ASP A 180 4.37 7.09 -8.46
N LYS A 181 3.88 8.27 -8.10
CA LYS A 181 2.92 8.96 -8.93
C LYS A 181 3.58 9.28 -10.27
N LEU A 182 4.77 9.87 -10.19
CA LEU A 182 5.55 10.23 -11.38
C LEU A 182 5.82 9.08 -12.33
N TRP A 183 6.04 7.89 -11.80
CA TRP A 183 6.33 6.75 -12.64
C TRP A 183 5.11 6.09 -13.24
N LYS A 184 3.98 6.22 -12.56
CA LYS A 184 2.74 5.64 -13.04
C LYS A 184 2.15 6.49 -14.16
N LYS A 185 2.26 7.81 -14.02
CA LYS A 185 1.71 8.74 -14.99
C LYS A 185 2.58 9.02 -16.23
N TYR A 186 3.89 8.84 -16.11
CA TYR A 186 4.76 9.09 -17.25
C TYR A 186 5.69 7.94 -17.57
N GLY A 187 5.39 6.76 -17.04
CA GLY A 187 6.22 5.60 -17.29
C GLY A 187 6.44 5.28 -18.76
N SER A 188 5.35 5.25 -19.52
CA SER A 188 5.42 4.93 -20.95
C SER A 188 6.25 5.94 -21.73
N ARG A 189 6.06 7.22 -21.43
CA ARG A 189 6.77 8.31 -22.10
C ARG A 189 8.27 8.07 -22.23
N PHE A 190 8.82 7.16 -21.44
CA PHE A 190 10.25 6.87 -21.49
C PHE A 190 10.57 5.48 -22.04
N PRO A 191 11.79 5.31 -22.58
CA PRO A 191 12.29 4.06 -23.16
C PRO A 191 12.59 2.99 -22.10
N GLN A 192 12.81 1.75 -22.55
CA GLN A 192 13.12 0.67 -21.63
C GLN A 192 14.45 1.00 -20.95
N ASP A 193 14.62 0.54 -19.71
CA ASP A 193 15.84 0.81 -18.96
C ASP A 193 16.44 -0.47 -18.40
N ASP A 194 17.50 -0.95 -19.04
CA ASP A 194 18.17 -2.18 -18.60
C ASP A 194 19.09 -1.93 -17.42
N LEU A 195 19.22 -0.66 -17.05
CA LEU A 195 20.11 -0.29 -15.95
C LEU A 195 19.38 0.12 -14.69
N CYS A 196 18.06 0.26 -14.77
CA CYS A 196 17.32 0.70 -13.61
C CYS A 196 15.87 0.22 -13.54
N GLN A 197 15.47 -0.25 -12.36
CA GLN A 197 14.11 -0.71 -12.13
C GLN A 197 13.43 0.35 -11.29
N TYR A 198 12.27 0.81 -11.74
CA TYR A 198 11.53 1.86 -11.03
C TYR A 198 10.52 1.22 -10.10
N ILE A 199 11.01 0.77 -8.96
CA ILE A 199 10.18 0.12 -7.95
C ILE A 199 10.06 0.94 -6.67
N THR A 200 9.03 0.65 -5.89
CA THR A 200 8.79 1.34 -4.63
C THR A 200 8.57 0.29 -3.55
N SER A 201 8.27 0.74 -2.33
CA SER A 201 8.02 -0.18 -1.23
C SER A 201 6.83 -1.08 -1.54
N ASP A 202 5.93 -0.63 -2.41
CA ASP A 202 4.77 -1.45 -2.79
C ASP A 202 5.20 -2.71 -3.52
N ASP A 203 6.15 -2.56 -4.44
CA ASP A 203 6.67 -3.70 -5.20
C ASP A 203 7.38 -4.65 -4.25
N LEU A 204 8.10 -4.11 -3.28
CA LEU A 204 8.84 -4.91 -2.30
C LEU A 204 7.96 -5.69 -1.35
N THR A 205 6.95 -5.04 -0.78
CA THR A 205 6.07 -5.73 0.13
C THR A 205 5.34 -6.85 -0.59
N GLN A 206 5.03 -6.64 -1.87
CA GLN A 206 4.38 -7.68 -2.67
C GLN A 206 5.34 -8.85 -2.81
N MET A 207 6.58 -8.56 -3.20
CA MET A 207 7.55 -9.62 -3.36
C MET A 207 7.80 -10.34 -2.02
N LEU A 208 7.91 -9.58 -0.94
CA LEU A 208 8.14 -10.19 0.37
C LEU A 208 6.97 -11.08 0.78
N ASP A 209 5.74 -10.63 0.51
CA ASP A 209 4.57 -11.44 0.82
C ASP A 209 4.65 -12.78 0.09
N ASN A 210 4.87 -12.75 -1.22
CA ASN A 210 4.96 -13.97 -2.01
C ASN A 210 6.15 -14.82 -1.60
N LEU A 211 7.18 -14.18 -1.04
CA LEU A 211 8.34 -14.91 -0.60
C LEU A 211 8.05 -15.52 0.77
N GLY A 212 6.99 -15.03 1.40
CA GLY A 212 6.62 -15.54 2.72
C GLY A 212 7.59 -15.14 3.82
N LEU A 213 8.27 -14.01 3.65
CA LEU A 213 9.23 -13.55 4.67
C LEU A 213 8.57 -12.57 5.65
N LYS A 214 8.95 -12.66 6.93
CA LYS A 214 8.39 -11.75 7.94
C LYS A 214 9.14 -10.43 7.94
N TYR A 215 8.39 -9.33 7.83
CA TYR A 215 9.01 -8.01 7.81
C TYR A 215 8.04 -6.96 8.34
N GLU A 216 8.57 -5.75 8.53
CA GLU A 216 7.78 -4.62 8.99
C GLU A 216 8.28 -3.42 8.20
N TYR A 218 8.26 0.87 7.75
CA TYR A 218 8.00 2.19 8.34
C TYR A 218 8.23 3.26 7.28
N ASP A 219 7.34 4.25 7.23
CA ASP A 219 7.47 5.32 6.26
C ASP A 219 7.79 6.63 6.96
N LEU A 220 8.73 7.38 6.42
CA LEU A 220 9.06 8.68 6.98
C LEU A 220 9.02 9.69 5.84
N LEU A 221 8.34 10.80 6.08
CA LEU A 221 8.23 11.85 5.10
C LEU A 221 9.61 12.44 4.81
N SER A 222 9.84 12.75 3.53
CA SER A 222 11.09 13.36 3.12
C SER A 222 10.73 14.18 1.89
N THR A 223 11.47 15.27 1.69
CA THR A 223 11.18 16.17 0.59
C THR A 223 12.37 16.53 -0.30
N MET A 224 12.07 16.83 -1.55
CA MET A 224 13.08 17.22 -2.52
C MET A 224 12.67 18.60 -3.03
N ASP A 225 13.48 19.60 -2.74
CA ASP A 225 13.21 20.98 -3.18
C ASP A 225 13.52 21.12 -4.66
N ILE A 226 12.48 21.09 -5.49
CA ILE A 226 12.65 21.21 -6.93
C ILE A 226 12.31 22.61 -7.46
N SER A 227 12.57 23.64 -6.67
CA SER A 227 12.28 25.01 -7.10
C SER A 227 13.10 25.40 -8.34
N ASP A 228 14.42 25.28 -8.25
CA ASP A 228 15.31 25.61 -9.36
C ASP A 228 14.89 24.99 -10.69
N CYS A 229 14.13 23.90 -10.62
CA CYS A 229 13.65 23.19 -11.82
C CYS A 229 12.66 24.00 -12.64
N PHE A 230 12.21 25.11 -12.09
CA PHE A 230 11.24 25.95 -12.78
C PHE A 230 11.82 27.28 -13.25
N ILE A 231 13.15 27.35 -13.34
CA ILE A 231 13.81 28.56 -13.78
C ILE A 231 14.71 28.26 -14.97
N ASP A 232 14.12 28.35 -16.16
CA ASP A 232 14.81 28.10 -17.44
C ASP A 232 16.33 28.21 -17.34
N GLY A 233 16.80 29.36 -16.86
CA GLY A 233 18.23 29.57 -16.74
C GLY A 233 18.76 29.26 -15.35
N ASN A 234 18.84 27.98 -15.01
CA ASN A 234 19.33 27.56 -13.70
C ASN A 234 20.06 26.23 -13.81
N GLU A 235 21.37 26.25 -13.57
CA GLU A 235 22.18 25.04 -13.65
C GLU A 235 21.67 23.95 -12.72
N ASN A 236 21.40 24.32 -11.47
CA ASN A 236 20.94 23.36 -10.48
C ASN A 236 19.63 22.69 -10.87
N GLY A 237 18.68 23.47 -11.39
CA GLY A 237 17.40 22.92 -11.79
C GLY A 237 17.53 21.83 -12.83
N ASP A 238 18.29 22.11 -13.89
CA ASP A 238 18.50 21.16 -14.97
C ASP A 238 19.11 19.86 -14.46
N LEU A 239 19.93 19.97 -13.42
CA LEU A 239 20.55 18.80 -12.84
C LEU A 239 19.49 18.02 -12.06
N LEU A 240 18.61 18.74 -11.39
CA LEU A 240 17.54 18.11 -10.64
C LEU A 240 16.56 17.42 -11.59
N TRP A 241 16.41 17.97 -12.78
CA TRP A 241 15.52 17.39 -13.78
C TRP A 241 16.03 16.02 -14.23
N ASP A 242 17.34 15.88 -14.30
CA ASP A 242 17.94 14.61 -14.72
C ASP A 242 17.66 13.56 -13.67
N PHE A 243 17.98 13.89 -12.41
CA PHE A 243 17.75 12.98 -11.30
C PHE A 243 16.29 12.57 -11.24
N LEU A 244 15.42 13.59 -11.27
CA LEU A 244 13.98 13.40 -11.19
C LEU A 244 13.43 12.55 -12.33
N THR A 245 14.15 12.55 -13.45
CA THR A 245 13.70 11.79 -14.61
C THR A 245 14.59 10.60 -14.94
N GLU A 246 15.66 10.42 -14.17
CA GLU A 246 16.59 9.33 -14.40
C GLU A 246 16.99 9.37 -15.88
N THR A 247 17.13 10.59 -16.39
CA THR A 247 17.47 10.81 -17.79
C THR A 247 18.59 11.84 -17.97
N ASN A 249 20.49 14.77 -19.65
CA ASN A 249 20.04 15.97 -20.36
C ASN A 249 18.56 15.84 -20.74
N PHE A 250 17.70 15.84 -19.72
CA PHE A 250 16.27 15.71 -19.90
C PHE A 250 15.66 16.79 -20.79
N ASN A 251 15.80 18.04 -20.36
CA ASN A 251 15.27 19.18 -21.10
C ASN A 251 15.78 19.22 -22.53
N ALA A 252 17.05 18.89 -22.69
CA ALA A 252 17.67 18.89 -24.00
C ALA A 252 17.30 17.69 -24.86
N THR A 253 17.09 16.53 -24.24
CA THR A 253 16.76 15.32 -24.98
C THR A 253 15.31 14.85 -24.91
N ALA A 254 14.46 15.58 -24.19
CA ALA A 254 13.06 15.19 -24.05
C ALA A 254 12.09 16.08 -24.83
N PRO A 255 11.05 15.47 -25.41
CA PRO A 255 10.03 16.18 -26.19
C PRO A 255 9.41 17.30 -25.38
N PRO A 256 9.39 18.53 -25.93
CA PRO A 256 8.84 19.69 -25.24
C PRO A 256 7.49 19.38 -24.60
N ASP A 257 6.74 18.47 -25.23
CA ASP A 257 5.43 18.06 -24.73
C ASP A 257 5.56 17.45 -23.34
N LEU A 258 6.41 16.43 -23.23
CA LEU A 258 6.64 15.75 -21.97
C LEU A 258 7.17 16.75 -20.95
N ARG A 259 8.14 17.56 -21.38
CA ARG A 259 8.74 18.57 -20.51
C ARG A 259 7.72 19.57 -19.97
N ALA A 260 7.04 20.25 -20.88
CA ALA A 260 6.04 21.24 -20.50
C ALA A 260 4.98 20.62 -19.60
N GLU A 261 4.57 19.40 -19.94
CA GLU A 261 3.57 18.68 -19.18
C GLU A 261 4.03 18.40 -17.76
N LEU A 262 5.17 17.72 -17.64
CA LEU A 262 5.74 17.37 -16.33
C LEU A 262 5.89 18.58 -15.44
N GLY A 263 6.47 19.65 -16.00
CA GLY A 263 6.68 20.85 -15.23
C GLY A 263 5.37 21.47 -14.77
N LYS A 264 4.27 20.98 -15.31
CA LYS A 264 2.96 21.49 -14.94
C LYS A 264 2.44 20.82 -13.68
N ASP A 265 2.20 19.52 -13.77
CA ASP A 265 1.68 18.78 -12.62
C ASP A 265 2.73 18.46 -11.55
N LEU A 266 3.96 18.92 -11.74
CA LEU A 266 5.01 18.70 -10.76
C LEU A 266 4.79 19.70 -9.63
N GLN A 267 3.81 20.59 -9.85
CA GLN A 267 3.47 21.61 -8.87
C GLN A 267 2.12 21.31 -8.23
N GLU A 268 1.51 20.22 -8.67
CA GLU A 268 0.22 19.79 -8.16
C GLU A 268 0.39 19.03 -6.84
N PRO A 269 -0.64 19.07 -5.98
CA PRO A 269 -0.64 18.40 -4.68
C PRO A 269 -0.35 16.92 -4.89
N GLU A 270 -0.56 16.50 -6.14
CA GLU A 270 -0.36 15.13 -6.55
C GLU A 270 1.11 14.69 -6.46
N PHE A 271 2.02 15.64 -6.69
CA PHE A 271 3.44 15.31 -6.65
C PHE A 271 4.25 16.11 -5.64
N SER A 272 3.91 17.38 -5.45
CA SER A 272 4.67 18.22 -4.54
C SER A 272 3.83 19.08 -3.60
N ALA A 273 4.53 19.79 -2.72
CA ALA A 273 3.91 20.68 -1.75
C ALA A 273 4.60 22.04 -1.83
N LYS A 274 3.83 23.11 -1.62
CA LYS A 274 4.37 24.47 -1.67
C LYS A 274 4.39 25.08 -0.27
N LYS A 275 5.60 25.28 0.26
CA LYS A 275 5.79 25.86 1.58
C LYS A 275 7.00 26.78 1.57
N GLU A 276 6.80 28.03 2.00
CA GLU A 276 7.86 29.03 2.03
C GLU A 276 8.23 29.37 0.60
N GLY A 277 7.24 29.26 -0.29
CA GLY A 277 7.46 29.52 -1.70
C GLY A 277 7.93 28.24 -2.38
N LYS A 278 8.90 27.58 -1.76
CA LYS A 278 9.50 26.33 -2.24
C LYS A 278 8.52 25.30 -2.79
N VAL A 279 9.03 24.47 -3.68
CA VAL A 279 8.26 23.39 -4.28
C VAL A 279 8.88 22.12 -3.70
N LEU A 280 8.15 21.46 -2.80
CA LEU A 280 8.66 20.24 -2.16
C LEU A 280 8.04 18.97 -2.73
N PHE A 281 8.81 18.29 -3.57
CA PHE A 281 8.40 17.02 -4.19
C PHE A 281 8.37 15.96 -3.08
N ASN A 282 7.34 15.12 -3.08
CA ASN A 282 7.20 14.08 -2.06
C ASN A 282 8.25 12.97 -2.21
N ASN A 283 9.21 12.95 -1.29
CA ASN A 283 10.29 11.97 -1.32
C ASN A 283 10.16 10.97 -0.17
N THR A 284 8.95 10.74 0.30
CA THR A 284 8.69 9.82 1.41
C THR A 284 9.49 8.54 1.24
N LEU A 285 10.17 8.13 2.29
CA LEU A 285 10.98 6.92 2.24
C LEU A 285 10.34 5.78 3.02
N SER A 286 10.68 4.55 2.62
CA SER A 286 10.20 3.37 3.31
C SER A 286 11.39 2.61 3.88
N PHE A 287 11.27 2.22 5.14
CA PHE A 287 12.32 1.47 5.83
C PHE A 287 11.75 0.09 6.13
N ILE A 288 12.26 -0.92 5.45
CA ILE A 288 11.78 -2.27 5.61
C ILE A 288 12.75 -3.15 6.37
N VAL A 289 12.27 -3.73 7.47
CA VAL A 289 13.09 -4.60 8.31
C VAL A 289 12.61 -6.04 8.21
N ILE A 290 13.53 -6.91 7.79
CA ILE A 290 13.24 -8.32 7.63
C ILE A 290 13.96 -9.12 8.72
N GLU A 291 13.28 -10.13 9.26
CA GLU A 291 13.85 -10.96 10.31
C GLU A 291 14.42 -12.24 9.73
N ALA A 292 15.31 -12.89 10.47
CA ALA A 292 15.86 -14.15 10.02
C ALA A 292 14.71 -15.16 10.17
N SER B 4 -24.26 -8.35 -26.46
CA SER B 4 -24.43 -8.90 -25.09
C SER B 4 -23.85 -7.95 -24.04
N MET B 5 -24.49 -7.89 -22.89
CA MET B 5 -24.04 -7.02 -21.81
C MET B 5 -22.95 -7.73 -21.02
N ARG B 6 -21.98 -6.97 -20.54
CA ARG B 6 -20.88 -7.54 -19.76
C ARG B 6 -20.90 -7.02 -18.33
N SER B 7 -20.47 -7.87 -17.40
CA SER B 7 -20.43 -7.50 -15.98
C SER B 7 -19.53 -6.29 -15.84
N LEU B 8 -19.92 -5.35 -14.99
CA LEU B 8 -19.18 -4.12 -14.75
C LEU B 8 -17.69 -4.36 -14.41
N PHE B 9 -17.41 -5.41 -13.64
CA PHE B 9 -16.04 -5.72 -13.26
C PHE B 9 -15.17 -5.94 -14.48
N SER B 10 -15.74 -6.60 -15.49
CA SER B 10 -15.03 -6.91 -16.73
C SER B 10 -14.35 -5.68 -17.32
N ASP B 11 -14.75 -4.51 -16.87
CA ASP B 11 -14.16 -3.26 -17.36
C ASP B 11 -13.63 -2.49 -16.16
N HIS B 12 -12.32 -2.59 -15.93
CA HIS B 12 -11.68 -1.91 -14.81
C HIS B 12 -11.86 -0.39 -14.85
N GLY B 13 -11.98 0.16 -16.05
CA GLY B 13 -12.16 1.60 -16.18
C GLY B 13 -13.48 2.07 -15.62
N LYS B 14 -14.57 1.42 -16.05
CA LYS B 14 -15.91 1.77 -15.59
C LYS B 14 -16.14 1.24 -14.18
N TYR B 15 -15.55 0.08 -13.89
CA TYR B 15 -15.69 -0.56 -12.59
C TYR B 15 -15.25 0.41 -11.50
N VAL B 16 -14.16 1.12 -11.74
CA VAL B 16 -13.63 2.08 -10.78
C VAL B 16 -14.41 3.39 -10.78
N GLU B 17 -14.47 4.05 -11.93
CA GLU B 17 -15.15 5.33 -12.06
C GLU B 17 -16.59 5.35 -11.55
N SER B 18 -17.39 4.37 -11.94
CA SER B 18 -18.78 4.31 -11.50
C SER B 18 -18.91 4.16 -9.98
N PHE B 19 -17.97 3.44 -9.37
CA PHE B 19 -17.98 3.25 -7.93
C PHE B 19 -17.72 4.59 -7.27
N ARG B 20 -16.88 5.39 -7.91
CA ARG B 20 -16.55 6.71 -7.40
C ARG B 20 -17.78 7.61 -7.48
N ARG B 21 -18.52 7.51 -8.58
CA ARG B 21 -19.72 8.32 -8.76
C ARG B 21 -20.84 7.86 -7.85
N PHE B 22 -20.77 6.60 -7.41
CA PHE B 22 -21.78 6.05 -6.52
C PHE B 22 -21.60 6.67 -5.13
N LEU B 23 -20.37 6.61 -4.63
CA LEU B 23 -20.05 7.15 -3.33
C LEU B 23 -20.38 8.64 -3.29
N ASN B 24 -19.91 9.37 -4.30
CA ASN B 24 -20.16 10.80 -4.37
C ASN B 24 -21.62 11.14 -4.62
N HIS B 25 -22.45 10.12 -4.84
CA HIS B 25 -23.87 10.36 -5.10
C HIS B 25 -24.83 9.51 -4.27
N SER B 26 -24.37 9.08 -3.10
CA SER B 26 -25.20 8.28 -2.21
C SER B 26 -24.71 8.52 -0.80
N THR B 27 -25.46 8.05 0.18
CA THR B 27 -25.08 8.20 1.57
C THR B 27 -24.42 6.90 2.04
N GLU B 28 -23.82 6.17 1.10
CA GLU B 28 -23.16 4.91 1.40
C GLU B 28 -22.28 5.01 2.63
N HIS B 29 -21.24 5.84 2.55
CA HIS B 29 -20.30 6.02 3.66
C HIS B 29 -20.87 6.75 4.87
N GLN B 30 -21.80 7.67 4.64
CA GLN B 30 -22.42 8.39 5.74
C GLN B 30 -23.22 7.36 6.57
N CYS B 31 -23.86 6.43 5.88
CA CYS B 31 -24.64 5.37 6.52
C CYS B 31 -23.68 4.56 7.40
N MET B 32 -22.55 4.19 6.83
CA MET B 32 -21.55 3.43 7.55
C MET B 32 -21.02 4.19 8.74
N GLN B 33 -20.69 5.47 8.56
CA GLN B 33 -20.17 6.24 9.67
C GLN B 33 -21.20 6.34 10.79
N GLU B 34 -22.47 6.47 10.40
CA GLU B 34 -23.55 6.54 11.37
C GLU B 34 -23.52 5.27 12.23
N PHE B 35 -23.26 4.14 11.58
CA PHE B 35 -23.19 2.86 12.27
C PHE B 35 -21.97 2.80 13.18
N MET B 36 -20.84 3.24 12.66
CA MET B 36 -19.60 3.21 13.44
C MET B 36 -19.72 4.09 14.66
N ASP B 37 -20.48 5.17 14.56
CA ASP B 37 -20.66 6.08 15.68
C ASP B 37 -21.63 5.60 16.72
N LYS B 38 -22.71 4.96 16.29
CA LYS B 38 -23.74 4.51 17.22
C LYS B 38 -23.71 3.06 17.65
N LYS B 39 -23.23 2.18 16.79
CA LYS B 39 -23.22 0.76 17.11
C LYS B 39 -21.86 0.13 17.33
N LEU B 40 -20.86 0.55 16.56
CA LEU B 40 -19.53 -0.06 16.68
C LEU B 40 -18.92 -0.08 18.09
N PRO B 41 -18.97 1.05 18.82
CA PRO B 41 -18.39 1.09 20.17
C PRO B 41 -18.80 -0.10 21.04
N GLY B 42 -20.09 -0.41 21.06
CA GLY B 42 -20.54 -1.53 21.87
C GLY B 42 -20.05 -2.86 21.35
N ILE B 43 -19.99 -2.99 20.03
CA ILE B 43 -19.56 -4.22 19.39
C ILE B 43 -18.09 -4.59 19.65
N ILE B 44 -17.22 -3.59 19.67
CA ILE B 44 -15.80 -3.83 19.88
C ILE B 44 -15.40 -3.51 21.32
N GLY B 45 -16.40 -3.25 22.16
CA GLY B 45 -16.14 -2.92 23.54
C GLY B 45 -15.28 -3.89 24.34
N ARG B 46 -15.10 -5.12 23.86
CA ARG B 46 -14.30 -6.08 24.60
C ARG B 46 -13.28 -6.88 23.79
N ILE B 47 -13.09 -6.54 22.52
CA ILE B 47 -12.12 -7.27 21.70
C ILE B 47 -10.67 -7.07 22.12
N GLY B 48 -10.39 -6.04 22.92
CA GLY B 48 -9.03 -5.80 23.37
C GLY B 48 -8.73 -6.23 24.79
N ASP B 49 -9.75 -6.65 25.54
CA ASP B 49 -9.56 -7.07 26.94
C ASP B 49 -8.46 -8.12 27.12
N THR B 50 -7.56 -7.86 28.07
CA THR B 50 -6.43 -8.73 28.44
C THR B 50 -5.35 -8.80 27.38
N LYS B 51 -5.48 -7.99 26.34
CA LYS B 51 -4.51 -8.00 25.26
C LYS B 51 -3.62 -6.76 25.25
N SER B 52 -2.33 -6.96 25.00
CA SER B 52 -1.38 -5.85 24.95
C SER B 52 -1.24 -5.41 23.50
N GLU B 53 -1.98 -6.07 22.63
CA GLU B 53 -2.01 -5.75 21.21
C GLU B 53 -3.37 -6.08 20.63
N ILE B 54 -3.82 -5.28 19.67
CA ILE B 54 -5.12 -5.52 19.06
C ILE B 54 -4.94 -5.70 17.56
N LYS B 55 -5.39 -6.84 17.07
CA LYS B 55 -5.25 -7.20 15.66
C LYS B 55 -6.54 -7.04 14.87
N ILE B 56 -6.51 -6.14 13.89
CA ILE B 56 -7.67 -5.91 13.05
C ILE B 56 -7.40 -6.35 11.63
N LEU B 57 -8.26 -7.23 11.11
CA LEU B 57 -8.10 -7.73 9.75
C LEU B 57 -9.15 -7.06 8.88
N SER B 58 -8.68 -6.27 7.93
CA SER B 58 -9.57 -5.57 7.03
C SER B 58 -9.61 -6.28 5.68
N ILE B 59 -10.72 -6.99 5.43
CA ILE B 59 -10.87 -7.69 4.17
C ILE B 59 -11.59 -6.74 3.22
N GLY B 60 -10.84 -6.23 2.24
CA GLY B 60 -11.43 -5.31 1.29
C GLY B 60 -11.41 -3.91 1.84
N GLY B 61 -10.36 -3.61 2.61
CA GLY B 61 -10.22 -2.29 3.21
C GLY B 61 -10.50 -1.15 2.25
N GLY B 62 -10.03 -1.27 1.02
CA GLY B 62 -10.30 -0.23 0.01
C GLY B 62 -9.45 1.04 0.15
N ALA B 63 -10.12 2.18 0.34
CA ALA B 63 -9.42 3.47 0.42
C ALA B 63 -9.12 3.94 1.85
N GLY B 64 -9.57 3.16 2.86
CA GLY B 64 -9.29 3.37 4.28
C GLY B 64 -10.13 4.39 5.08
N GLU B 65 -11.18 4.97 4.50
CA GLU B 65 -11.96 5.93 5.26
C GLU B 65 -12.67 5.24 6.42
N ILE B 66 -13.37 4.17 6.11
CA ILE B 66 -14.11 3.42 7.12
C ILE B 66 -13.15 2.76 8.10
N ASP B 67 -12.10 2.17 7.55
CA ASP B 67 -11.06 1.49 8.34
C ASP B 67 -10.58 2.42 9.46
N LEU B 68 -10.23 3.64 9.09
CA LEU B 68 -9.74 4.61 10.07
C LEU B 68 -10.78 5.03 11.10
N GLN B 69 -12.05 4.99 10.70
CA GLN B 69 -13.13 5.33 11.62
C GLN B 69 -13.26 4.20 12.63
N ILE B 70 -13.06 2.98 12.14
CA ILE B 70 -13.12 1.80 13.00
C ILE B 70 -11.94 1.87 13.97
N LEU B 71 -10.76 2.13 13.43
CA LEU B 71 -9.56 2.25 14.26
C LEU B 71 -9.78 3.28 15.36
N SER B 72 -10.44 4.38 14.99
CA SER B 72 -10.74 5.47 15.90
C SER B 72 -11.55 4.99 17.11
N LYS B 73 -12.56 4.17 16.87
CA LYS B 73 -13.39 3.67 17.96
C LYS B 73 -12.61 2.70 18.84
N VAL B 74 -11.73 1.91 18.22
CA VAL B 74 -10.94 0.95 18.96
C VAL B 74 -9.93 1.67 19.84
N GLN B 75 -9.31 2.72 19.31
CA GLN B 75 -8.34 3.47 20.09
C GLN B 75 -8.97 4.20 21.27
N ALA B 76 -10.21 4.66 21.10
CA ALA B 76 -10.89 5.36 22.17
C ALA B 76 -11.25 4.36 23.26
N GLN B 77 -11.55 3.13 22.86
CA GLN B 77 -11.91 2.09 23.82
C GLN B 77 -10.68 1.51 24.54
N TYR B 78 -9.54 1.43 23.86
CA TYR B 78 -8.32 0.88 24.44
C TYR B 78 -7.15 1.83 24.27
N PRO B 79 -7.18 2.98 24.96
CA PRO B 79 -6.09 3.94 24.85
C PRO B 79 -4.74 3.35 25.18
N GLY B 80 -3.74 3.70 24.37
CA GLY B 80 -2.38 3.22 24.59
C GLY B 80 -2.04 1.86 24.02
N VAL B 81 -3.05 1.10 23.62
CA VAL B 81 -2.78 -0.22 23.09
C VAL B 81 -2.43 -0.25 21.61
N ILE B 83 -2.11 -1.30 17.90
CA ILE B 83 -3.07 -1.93 17.02
C ILE B 83 -2.39 -2.36 15.73
N ASN B 84 -2.64 -3.58 15.31
CA ASN B 84 -2.08 -4.07 14.06
C ASN B 84 -3.25 -4.18 13.11
N ASN B 85 -3.28 -3.30 12.11
CA ASN B 85 -4.36 -3.26 11.15
C ASN B 85 -3.88 -3.80 9.79
N GLU B 86 -4.18 -5.06 9.51
CA GLU B 86 -3.79 -5.69 8.25
C GLU B 86 -4.89 -5.53 7.22
N VAL B 87 -4.51 -5.18 6.00
CA VAL B 87 -5.48 -4.97 4.93
C VAL B 87 -5.29 -5.90 3.74
N VAL B 88 -6.36 -6.60 3.37
CA VAL B 88 -6.33 -7.51 2.23
C VAL B 88 -7.17 -6.84 1.16
N GLU B 89 -6.49 -6.29 0.15
CA GLU B 89 -7.15 -5.56 -0.93
C GLU B 89 -6.46 -5.88 -2.26
N PRO B 90 -7.22 -6.41 -3.24
CA PRO B 90 -6.61 -6.75 -4.54
C PRO B 90 -6.34 -5.56 -5.47
N SER B 91 -6.95 -4.42 -5.19
CA SER B 91 -6.75 -3.25 -6.04
C SER B 91 -5.56 -2.39 -5.60
N ALA B 92 -4.56 -2.28 -6.47
CA ALA B 92 -3.37 -1.49 -6.19
C ALA B 92 -3.73 -0.02 -6.11
N GLU B 93 -4.76 0.38 -6.85
CA GLU B 93 -5.20 1.78 -6.86
C GLU B 93 -5.85 2.13 -5.52
N GLN B 94 -6.66 1.21 -5.01
CA GLN B 94 -7.34 1.40 -3.74
C GLN B 94 -6.28 1.52 -2.63
N ILE B 95 -5.26 0.68 -2.71
CA ILE B 95 -4.19 0.68 -1.72
C ILE B 95 -3.43 2.00 -1.73
N ALA B 96 -3.15 2.53 -2.92
CA ALA B 96 -2.43 3.79 -3.06
C ALA B 96 -3.18 4.91 -2.38
N LYS B 97 -4.50 4.92 -2.53
CA LYS B 97 -5.33 5.95 -1.89
C LYS B 97 -5.29 5.76 -0.38
N TYR B 98 -5.39 4.50 0.06
CA TYR B 98 -5.37 4.15 1.48
C TYR B 98 -4.10 4.72 2.13
N LYS B 99 -2.94 4.34 1.59
CA LYS B 99 -1.66 4.82 2.10
C LYS B 99 -1.62 6.35 2.10
N GLU B 100 -2.24 6.93 1.09
CA GLU B 100 -2.30 8.38 0.94
C GLU B 100 -3.01 8.98 2.14
N LEU B 101 -4.17 8.44 2.46
CA LEU B 101 -4.96 8.93 3.58
C LEU B 101 -4.21 8.79 4.91
N VAL B 102 -3.65 7.60 5.16
CA VAL B 102 -2.92 7.38 6.41
C VAL B 102 -1.79 8.39 6.52
N ALA B 103 -1.02 8.56 5.44
CA ALA B 103 0.09 9.50 5.43
C ALA B 103 -0.31 10.92 5.84
N LYS B 104 -1.55 11.32 5.57
CA LYS B 104 -1.96 12.67 5.94
C LYS B 104 -2.89 12.72 7.15
N THR B 105 -2.98 11.62 7.88
CA THR B 105 -3.84 11.56 9.05
C THR B 105 -3.03 11.48 10.33
N SER B 106 -3.52 12.14 11.38
CA SER B 106 -2.86 12.14 12.67
C SER B 106 -3.52 11.11 13.59
N ASN B 107 -3.01 11.02 14.81
CA ASN B 107 -3.56 10.09 15.79
C ASN B 107 -3.53 8.64 15.31
N LEU B 108 -2.52 8.30 14.52
CA LEU B 108 -2.36 6.94 14.00
C LEU B 108 -1.00 6.32 14.35
N GLU B 109 -0.35 6.69 15.47
N GLU B 109 -0.62 6.82 15.56
CA GLU B 109 1.01 6.15 15.81
CA GLU B 109 0.46 6.43 16.37
C GLU B 109 1.02 4.75 16.45
C GLU B 109 -0.29 5.77 17.52
N ASN B 110 0.03 4.50 17.30
CA ASN B 110 -0.17 3.25 18.03
C ASN B 110 -0.70 2.16 17.11
N VAL B 111 -0.88 2.60 15.87
CA VAL B 111 -1.42 1.75 14.82
C VAL B 111 -0.40 1.42 13.75
N LYS B 112 -0.14 0.14 13.54
CA LYS B 112 0.76 -0.33 12.49
C LYS B 112 -0.12 -0.84 11.35
N PHE B 113 0.13 -0.39 10.13
CA PHE B 113 -0.65 -0.84 8.98
C PHE B 113 0.20 -1.76 8.10
N ALA B 114 -0.46 -2.72 7.47
CA ALA B 114 0.20 -3.62 6.54
C ALA B 114 -0.78 -3.87 5.39
N TRP B 115 -0.33 -3.68 4.16
CA TRP B 115 -1.19 -3.88 3.00
C TRP B 115 -0.79 -5.10 2.19
N HIS B 116 -1.77 -5.93 1.87
CA HIS B 116 -1.54 -7.13 1.09
C HIS B 116 -2.38 -7.02 -0.19
N LYS B 117 -1.70 -6.90 -1.32
CA LYS B 117 -2.40 -6.79 -2.59
C LYS B 117 -2.82 -8.17 -3.06
N GLU B 118 -3.97 -8.61 -2.58
CA GLU B 118 -4.51 -9.91 -2.93
C GLU B 118 -6.01 -9.96 -2.62
N THR B 119 -6.64 -11.05 -3.04
CA THR B 119 -8.07 -11.25 -2.81
C THR B 119 -8.17 -12.03 -1.50
N SER B 120 -9.35 -12.05 -0.91
CA SER B 120 -9.54 -12.78 0.33
C SER B 120 -9.27 -14.25 0.09
N SER B 121 -9.51 -14.68 -1.14
CA SER B 121 -9.32 -16.07 -1.52
C SER B 121 -7.83 -16.44 -1.54
N GLU B 122 -7.02 -15.56 -2.12
CA GLU B 122 -5.58 -15.79 -2.20
C GLU B 122 -5.01 -15.72 -0.78
N TYR B 123 -5.57 -14.84 0.04
CA TYR B 123 -5.13 -14.69 1.42
C TYR B 123 -5.44 -15.95 2.20
N GLN B 124 -6.66 -16.45 2.02
CA GLN B 124 -7.12 -17.66 2.69
C GLN B 124 -6.18 -18.83 2.37
N SER B 125 -5.77 -18.93 1.11
CA SER B 125 -4.87 -20.01 0.71
C SER B 125 -3.45 -19.78 1.21
N ARG B 126 -2.92 -18.59 0.99
CA ARG B 126 -1.57 -18.28 1.43
C ARG B 126 -1.44 -18.50 2.94
N MET B 127 -2.50 -18.18 3.68
CA MET B 127 -2.50 -18.36 5.14
C MET B 127 -2.63 -19.83 5.51
N LEU B 128 -3.32 -20.60 4.66
CA LEU B 128 -3.51 -22.02 4.89
C LEU B 128 -2.25 -22.81 4.59
N GLU B 129 -1.15 -22.08 4.35
CA GLU B 129 0.14 -22.71 4.07
C GLU B 129 0.91 -22.79 5.37
N LYS B 130 0.61 -21.84 6.27
CA LYS B 130 1.26 -21.79 7.57
C LYS B 130 0.48 -22.66 8.55
N LYS B 131 1.17 -23.62 9.16
CA LYS B 131 0.54 -24.52 10.12
C LYS B 131 -0.02 -23.75 11.31
N GLU B 132 0.61 -22.63 11.64
CA GLU B 132 0.19 -21.79 12.76
C GLU B 132 -0.77 -20.72 12.29
N LEU B 133 -2.05 -21.08 12.18
CA LEU B 133 -3.09 -20.16 11.74
C LEU B 133 -3.22 -19.01 12.74
N GLN B 134 -3.08 -17.78 12.24
CA GLN B 134 -3.16 -16.60 13.08
C GLN B 134 -4.59 -16.28 13.52
N LYS B 135 -4.72 -15.57 14.63
CA LYS B 135 -6.02 -15.18 15.16
C LYS B 135 -6.17 -13.68 15.11
N TRP B 136 -7.41 -13.21 14.99
CA TRP B 136 -7.67 -11.79 14.92
C TRP B 136 -8.71 -11.38 15.95
N ASP B 137 -8.63 -10.12 16.38
CA ASP B 137 -9.55 -9.63 17.38
C ASP B 137 -10.78 -8.98 16.77
N PHE B 138 -10.63 -8.48 15.54
CA PHE B 138 -11.74 -7.88 14.82
C PHE B 138 -11.49 -8.09 13.33
N ILE B 139 -12.48 -8.65 12.64
CA ILE B 139 -12.37 -8.87 11.20
C ILE B 139 -13.59 -8.23 10.57
N HIS B 140 -13.38 -7.39 9.55
CA HIS B 140 -14.50 -6.79 8.88
C HIS B 140 -14.41 -6.98 7.38
N MET B 141 -15.55 -7.28 6.77
CA MET B 141 -15.65 -7.54 5.33
C MET B 141 -16.73 -6.61 4.78
N ILE B 142 -16.32 -5.43 4.35
CA ILE B 142 -17.24 -4.42 3.88
C ILE B 142 -17.52 -4.35 2.38
N GLN B 143 -18.76 -4.65 2.00
CA GLN B 143 -19.19 -4.59 0.60
C GLN B 143 -18.26 -5.31 -0.36
N MET B 144 -17.80 -6.50 0.01
CA MET B 144 -16.91 -7.22 -0.89
C MET B 144 -17.26 -8.71 -1.10
N LEU B 145 -18.27 -9.20 -0.40
CA LEU B 145 -18.64 -10.61 -0.58
C LEU B 145 -19.19 -10.88 -1.98
N TYR B 146 -19.71 -9.84 -2.63
CA TYR B 146 -20.27 -9.99 -3.98
C TYR B 146 -19.23 -10.57 -4.90
N TYR B 147 -17.97 -10.30 -4.59
CA TYR B 147 -16.87 -10.74 -5.43
C TYR B 147 -16.09 -11.96 -4.95
N VAL B 148 -16.71 -12.73 -4.06
CA VAL B 148 -16.09 -13.92 -3.53
C VAL B 148 -16.73 -15.10 -4.23
N LYS B 149 -15.90 -16.03 -4.71
CA LYS B 149 -16.40 -17.21 -5.42
C LYS B 149 -17.15 -18.18 -4.50
N ASP B 150 -16.53 -18.50 -3.36
CA ASP B 150 -17.12 -19.44 -2.39
C ASP B 150 -17.42 -18.71 -1.07
N ILE B 151 -18.64 -18.20 -0.93
CA ILE B 151 -19.02 -17.46 0.27
C ILE B 151 -19.09 -18.31 1.53
N PRO B 152 -19.78 -19.46 1.51
CA PRO B 152 -19.82 -20.24 2.75
C PRO B 152 -18.40 -20.58 3.25
N ALA B 153 -17.49 -20.92 2.34
CA ALA B 153 -16.12 -21.25 2.74
C ALA B 153 -15.38 -20.04 3.28
N THR B 154 -15.65 -18.88 2.69
CA THR B 154 -15.01 -17.64 3.14
C THR B 154 -15.53 -17.32 4.53
N LEU B 155 -16.83 -17.45 4.73
CA LEU B 155 -17.44 -17.17 6.02
C LEU B 155 -16.88 -18.09 7.11
N LYS B 156 -16.85 -19.39 6.82
CA LYS B 156 -16.34 -20.37 7.78
C LYS B 156 -14.86 -20.15 8.06
N PHE B 157 -14.07 -19.89 7.03
CA PHE B 157 -12.65 -19.66 7.22
C PHE B 157 -12.35 -18.45 8.11
N PHE B 158 -12.85 -17.29 7.72
CA PHE B 158 -12.58 -16.09 8.50
C PHE B 158 -13.16 -16.16 9.90
N HIS B 159 -14.31 -16.82 10.05
CA HIS B 159 -14.84 -16.94 11.40
C HIS B 159 -13.86 -17.75 12.25
N SER B 160 -13.23 -18.74 11.62
CA SER B 160 -12.29 -19.60 12.33
C SER B 160 -11.01 -18.87 12.74
N LEU B 161 -10.79 -17.68 12.18
CA LEU B 161 -9.62 -16.89 12.51
C LEU B 161 -9.91 -15.96 13.70
N LEU B 162 -11.14 -15.98 14.19
CA LEU B 162 -11.51 -15.11 15.31
C LEU B 162 -10.96 -15.57 16.66
N GLY B 163 -10.25 -14.68 17.34
CA GLY B 163 -9.68 -14.98 18.63
C GLY B 163 -10.68 -14.87 19.77
N THR B 164 -10.18 -14.84 21.00
CA THR B 164 -11.04 -14.75 22.17
C THR B 164 -11.79 -13.43 22.21
N ASN B 165 -13.11 -13.51 22.36
CA ASN B 165 -13.95 -12.31 22.41
C ASN B 165 -13.86 -11.48 21.12
N ALA B 166 -13.41 -12.09 20.03
CA ALA B 166 -13.31 -11.37 18.77
C ALA B 166 -14.65 -11.30 18.07
N LYS B 167 -14.79 -10.35 17.15
CA LYS B 167 -16.02 -10.20 16.39
C LYS B 167 -15.74 -9.98 14.92
N MET B 168 -16.67 -10.43 14.08
CA MET B 168 -16.56 -10.27 12.64
C MET B 168 -17.74 -9.46 12.13
N LEU B 169 -17.44 -8.37 11.43
CA LEU B 169 -18.46 -7.49 10.86
C LEU B 169 -18.54 -7.66 9.36
N ILE B 170 -19.76 -7.85 8.85
CA ILE B 170 -19.98 -7.97 7.42
C ILE B 170 -21.04 -6.98 6.96
N ILE B 171 -20.74 -6.26 5.89
CA ILE B 171 -21.71 -5.31 5.34
C ILE B 171 -22.04 -5.64 3.90
N VAL B 172 -23.32 -5.76 3.60
CA VAL B 172 -23.82 -6.03 2.25
C VAL B 172 -25.16 -5.28 2.19
N VAL B 173 -25.75 -5.18 1.00
CA VAL B 173 -27.03 -4.50 0.90
C VAL B 173 -28.11 -5.38 1.52
N SER B 174 -29.13 -4.75 2.08
CA SER B 174 -30.21 -5.47 2.75
C SER B 174 -31.19 -6.16 1.80
N GLY B 175 -31.83 -7.21 2.29
CA GLY B 175 -32.81 -7.93 1.50
C GLY B 175 -34.02 -7.03 1.29
N SER B 176 -34.07 -5.95 2.06
CA SER B 176 -35.17 -5.00 1.96
C SER B 176 -34.78 -3.74 1.20
N SER B 177 -33.68 -3.78 0.46
CA SER B 177 -33.26 -2.62 -0.30
C SER B 177 -33.82 -2.73 -1.71
N GLY B 178 -33.64 -1.68 -2.49
CA GLY B 178 -34.12 -1.68 -3.87
C GLY B 178 -33.30 -2.62 -4.73
N TRP B 179 -32.10 -2.94 -4.28
CA TRP B 179 -31.24 -3.85 -5.03
C TRP B 179 -31.93 -5.21 -5.10
N ASP B 180 -32.52 -5.59 -3.99
CA ASP B 180 -33.24 -6.86 -3.87
C ASP B 180 -34.40 -6.94 -4.90
N LYS B 181 -35.20 -5.89 -4.99
CA LYS B 181 -36.34 -5.85 -5.91
C LYS B 181 -35.88 -5.85 -7.37
N LEU B 182 -34.81 -5.09 -7.62
CA LEU B 182 -34.24 -4.99 -8.95
C LEU B 182 -33.74 -6.36 -9.42
N TRP B 183 -32.99 -7.04 -8.57
CA TRP B 183 -32.45 -8.35 -8.91
C TRP B 183 -33.51 -9.45 -9.01
N LYS B 184 -34.52 -9.39 -8.15
CA LYS B 184 -35.58 -10.39 -8.17
C LYS B 184 -36.45 -10.22 -9.40
N LYS B 185 -36.58 -8.99 -9.87
CA LYS B 185 -37.41 -8.69 -11.03
C LYS B 185 -36.68 -8.80 -12.37
N TYR B 186 -35.69 -7.95 -12.58
CA TYR B 186 -34.95 -7.95 -13.84
C TYR B 186 -33.74 -8.87 -13.91
N GLY B 187 -33.52 -9.64 -12.85
CA GLY B 187 -32.38 -10.53 -12.86
C GLY B 187 -32.37 -11.41 -14.10
N SER B 188 -33.54 -11.92 -14.45
CA SER B 188 -33.71 -12.80 -15.59
C SER B 188 -33.44 -12.15 -16.95
N ARG B 189 -33.30 -10.83 -16.95
N ARG B 189 -33.30 -10.83 -16.97
CA ARG B 189 -33.04 -10.09 -18.18
CA ARG B 189 -33.04 -10.12 -18.21
C ARG B 189 -31.55 -9.99 -18.49
C ARG B 189 -31.54 -9.99 -18.50
N PHE B 190 -30.72 -10.33 -17.52
CA PHE B 190 -29.27 -10.25 -17.69
C PHE B 190 -28.64 -11.63 -17.78
N PRO B 191 -27.40 -11.70 -18.30
CA PRO B 191 -26.60 -12.92 -18.48
C PRO B 191 -26.23 -13.63 -17.18
N GLN B 192 -25.75 -14.86 -17.29
CA GLN B 192 -25.33 -15.64 -16.13
C GLN B 192 -23.93 -15.15 -15.75
N ASP B 193 -23.88 -14.17 -14.85
CA ASP B 193 -22.63 -13.58 -14.40
C ASP B 193 -21.77 -14.58 -13.63
N ASP B 194 -20.47 -14.60 -13.92
CA ASP B 194 -19.54 -15.51 -13.25
C ASP B 194 -18.51 -14.73 -12.45
N LEU B 195 -18.51 -13.41 -12.65
CA LEU B 195 -17.58 -12.52 -11.98
C LEU B 195 -18.19 -11.86 -10.75
N CYS B 196 -19.50 -11.95 -10.60
CA CYS B 196 -20.16 -11.30 -9.48
C CYS B 196 -21.36 -12.05 -8.90
N GLN B 197 -21.52 -11.95 -7.59
CA GLN B 197 -22.64 -12.61 -6.92
C GLN B 197 -23.61 -11.56 -6.39
N TYR B 198 -24.85 -11.61 -6.87
CA TYR B 198 -25.87 -10.64 -6.48
C TYR B 198 -26.54 -11.07 -5.18
N ILE B 199 -25.87 -10.87 -4.06
CA ILE B 199 -26.41 -11.27 -2.77
C ILE B 199 -26.80 -10.12 -1.86
N THR B 200 -27.76 -10.40 -0.97
CA THR B 200 -28.23 -9.42 0.01
C THR B 200 -28.01 -10.05 1.36
N SER B 201 -28.47 -9.37 2.40
CA SER B 201 -28.32 -9.89 3.75
C SER B 201 -29.15 -11.16 3.94
N ASP B 202 -30.21 -11.36 3.14
CA ASP B 202 -31.01 -12.56 3.28
C ASP B 202 -30.19 -13.80 2.87
N ASP B 203 -29.41 -13.68 1.80
CA ASP B 203 -28.58 -14.81 1.36
C ASP B 203 -27.52 -15.09 2.42
N LEU B 204 -26.93 -14.03 2.93
CA LEU B 204 -25.89 -14.12 3.95
C LEU B 204 -26.38 -14.80 5.22
N THR B 205 -27.43 -14.28 5.82
CA THR B 205 -27.97 -14.85 7.06
C THR B 205 -28.35 -16.32 6.85
N GLN B 206 -28.84 -16.64 5.66
CA GLN B 206 -29.20 -18.02 5.37
C GLN B 206 -27.95 -18.90 5.37
N MET B 207 -26.88 -18.42 4.74
CA MET B 207 -25.66 -19.19 4.73
C MET B 207 -25.07 -19.28 6.13
N LEU B 208 -25.19 -18.19 6.89
CA LEU B 208 -24.67 -18.18 8.25
C LEU B 208 -25.44 -19.17 9.11
N ASP B 209 -26.77 -19.16 8.99
CA ASP B 209 -27.60 -20.09 9.75
C ASP B 209 -27.17 -21.53 9.48
N ASN B 210 -27.02 -21.85 8.19
CA ASN B 210 -26.61 -23.19 7.79
C ASN B 210 -25.23 -23.54 8.32
N LEU B 211 -24.39 -22.52 8.53
CA LEU B 211 -23.05 -22.76 9.05
C LEU B 211 -23.11 -22.91 10.56
N GLY B 212 -24.26 -22.55 11.13
CA GLY B 212 -24.45 -22.63 12.57
C GLY B 212 -23.75 -21.52 13.33
N LEU B 213 -23.47 -20.41 12.66
CA LEU B 213 -22.79 -19.28 13.30
C LEU B 213 -23.77 -18.29 13.96
N LYS B 214 -23.40 -17.77 15.13
CA LYS B 214 -24.24 -16.81 15.83
C LYS B 214 -23.92 -15.38 15.37
N TYR B 215 -24.96 -14.58 15.14
CA TYR B 215 -24.78 -13.20 14.68
C TYR B 215 -25.96 -12.33 14.98
N GLU B 216 -25.79 -11.04 14.71
CA GLU B 216 -26.83 -10.03 14.90
C GLU B 216 -26.80 -9.25 13.59
N CYS B 217 -27.97 -8.84 13.12
CA CYS B 217 -28.04 -8.10 11.87
C CYS B 217 -28.79 -6.78 12.09
N TYR B 218 -28.20 -5.68 11.63
CA TYR B 218 -28.84 -4.38 11.78
C TYR B 218 -28.99 -3.74 10.40
N ASP B 219 -30.15 -3.14 10.14
CA ASP B 219 -30.40 -2.48 8.87
C ASP B 219 -30.41 -0.97 9.04
N LEU B 220 -29.76 -0.26 8.13
CA LEU B 220 -29.75 1.20 8.18
C LEU B 220 -30.09 1.73 6.80
N LEU B 221 -31.12 2.58 6.73
CA LEU B 221 -31.50 3.15 5.45
C LEU B 221 -30.36 3.95 4.86
N SER B 222 -30.23 3.86 3.55
CA SER B 222 -29.21 4.59 2.81
C SER B 222 -29.88 4.88 1.48
N THR B 223 -29.45 5.94 0.81
CA THR B 223 -30.06 6.29 -0.47
C THR B 223 -29.02 6.56 -1.56
N MET B 224 -29.43 6.31 -2.79
CA MET B 224 -28.56 6.55 -3.93
C MET B 224 -29.27 7.56 -4.81
N ASP B 225 -28.68 8.75 -4.96
CA ASP B 225 -29.26 9.79 -5.77
C ASP B 225 -29.00 9.47 -7.25
N ILE B 226 -30.00 8.87 -7.89
CA ILE B 226 -29.88 8.48 -9.29
C ILE B 226 -30.52 9.48 -10.26
N SER B 227 -30.64 10.73 -9.82
CA SER B 227 -31.25 11.79 -10.63
C SER B 227 -30.67 11.88 -12.06
N ASP B 228 -29.35 11.92 -12.16
CA ASP B 228 -28.67 12.02 -13.45
C ASP B 228 -28.98 10.88 -14.41
N CYS B 229 -29.42 9.74 -13.88
CA CYS B 229 -29.74 8.59 -14.72
C CYS B 229 -30.89 8.92 -15.66
N PHE B 230 -31.67 9.92 -15.29
CA PHE B 230 -32.81 10.31 -16.10
C PHE B 230 -32.54 11.54 -16.97
N ILE B 231 -31.27 11.88 -17.11
CA ILE B 231 -30.83 13.00 -17.93
C ILE B 231 -30.02 12.39 -19.06
N ASP B 232 -30.74 12.00 -20.11
CA ASP B 232 -30.20 11.36 -21.30
C ASP B 232 -28.74 11.58 -21.67
N GLY B 233 -28.21 12.78 -21.43
CA GLY B 233 -26.82 13.04 -21.79
C GLY B 233 -25.84 12.96 -20.63
N ASN B 234 -26.28 13.39 -19.45
CA ASN B 234 -25.47 13.40 -18.24
C ASN B 234 -24.47 12.25 -18.13
N GLU B 235 -23.18 12.60 -18.18
CA GLU B 235 -22.10 11.63 -18.08
C GLU B 235 -22.13 10.90 -16.74
N ASN B 236 -22.52 11.61 -15.70
CA ASN B 236 -22.59 11.03 -14.36
C ASN B 236 -23.71 9.99 -14.35
N GLY B 237 -24.84 10.35 -14.96
CA GLY B 237 -25.95 9.42 -15.01
C GLY B 237 -25.56 8.13 -15.70
N ASP B 238 -24.88 8.24 -16.84
CA ASP B 238 -24.45 7.06 -17.57
C ASP B 238 -23.61 6.16 -16.69
N LEU B 239 -22.78 6.77 -15.84
CA LEU B 239 -21.93 6.03 -14.95
C LEU B 239 -22.72 5.32 -13.85
N LEU B 240 -23.72 6.01 -13.32
CA LEU B 240 -24.56 5.44 -12.28
C LEU B 240 -25.41 4.30 -12.83
N TRP B 241 -25.73 4.37 -14.12
CA TRP B 241 -26.53 3.31 -14.77
C TRP B 241 -25.73 2.02 -14.79
N ASP B 242 -24.44 2.15 -15.06
CA ASP B 242 -23.54 1.01 -15.09
C ASP B 242 -23.47 0.36 -13.72
N PHE B 243 -23.34 1.18 -12.70
CA PHE B 243 -23.26 0.72 -11.32
C PHE B 243 -24.58 0.04 -10.94
N LEU B 244 -25.68 0.67 -11.30
CA LEU B 244 -27.02 0.16 -11.02
C LEU B 244 -27.29 -1.19 -11.63
N THR B 245 -26.74 -1.40 -12.83
CA THR B 245 -26.96 -2.63 -13.57
C THR B 245 -25.78 -3.60 -13.58
N GLU B 246 -24.69 -3.23 -12.91
CA GLU B 246 -23.51 -4.08 -12.88
C GLU B 246 -23.13 -4.40 -14.33
N THR B 247 -23.40 -3.45 -15.21
CA THR B 247 -23.12 -3.59 -16.63
C THR B 247 -22.36 -2.38 -17.15
N CYS B 248 -21.15 -2.59 -17.66
CA CYS B 248 -20.38 -1.48 -18.20
C CYS B 248 -20.98 -0.97 -19.50
N ASN B 249 -21.17 0.35 -19.58
CA ASN B 249 -21.77 0.97 -20.77
C ASN B 249 -23.15 0.40 -20.98
N PHE B 250 -23.96 0.40 -19.91
CA PHE B 250 -25.31 -0.14 -19.97
C PHE B 250 -26.18 0.43 -21.08
N ASN B 251 -26.29 1.75 -21.15
CA ASN B 251 -27.12 2.39 -22.16
C ASN B 251 -26.66 2.18 -23.60
N ALA B 252 -25.43 1.69 -23.79
CA ALA B 252 -24.94 1.46 -25.13
C ALA B 252 -24.72 0.01 -25.49
N THR B 253 -25.36 -0.91 -24.76
CA THR B 253 -25.22 -2.34 -25.02
C THR B 253 -26.42 -3.11 -24.49
N ALA B 254 -27.35 -2.41 -23.88
CA ALA B 254 -28.51 -3.08 -23.33
C ALA B 254 -29.70 -3.04 -24.26
N PRO B 255 -30.53 -4.10 -24.26
CA PRO B 255 -31.71 -4.12 -25.13
C PRO B 255 -32.51 -2.85 -24.88
N PRO B 256 -32.88 -2.13 -25.95
CA PRO B 256 -33.65 -0.88 -25.84
C PRO B 256 -34.88 -0.96 -24.93
N ASP B 257 -35.57 -2.08 -24.96
CA ASP B 257 -36.76 -2.27 -24.14
C ASP B 257 -36.44 -2.44 -22.65
N LEU B 258 -35.43 -3.25 -22.34
CA LEU B 258 -35.05 -3.47 -20.95
C LEU B 258 -34.75 -2.11 -20.31
N ARG B 259 -33.93 -1.32 -21.01
CA ARG B 259 -33.57 0.01 -20.54
C ARG B 259 -34.85 0.81 -20.32
N ALA B 260 -35.70 0.85 -21.35
CA ALA B 260 -36.95 1.59 -21.29
C ALA B 260 -37.73 1.26 -20.01
N GLU B 261 -37.79 -0.01 -19.65
CA GLU B 261 -38.52 -0.42 -18.45
C GLU B 261 -37.81 0.09 -17.20
N LEU B 262 -36.55 -0.30 -17.04
CA LEU B 262 -35.76 0.13 -15.89
C LEU B 262 -35.90 1.64 -15.69
N GLY B 263 -35.75 2.39 -16.77
CA GLY B 263 -35.86 3.83 -16.68
C GLY B 263 -37.16 4.23 -16.00
N LYS B 264 -38.26 3.60 -16.40
CA LYS B 264 -39.56 3.91 -15.82
C LYS B 264 -39.72 3.32 -14.43
N ASP B 265 -39.58 2.01 -14.33
CA ASP B 265 -39.75 1.28 -13.07
C ASP B 265 -38.84 1.77 -11.93
N LEU B 266 -37.64 2.26 -12.26
CA LEU B 266 -36.72 2.74 -11.24
C LEU B 266 -37.19 4.02 -10.57
N GLN B 267 -38.33 4.54 -11.05
CA GLN B 267 -38.90 5.75 -10.48
C GLN B 267 -40.05 5.32 -9.57
N GLU B 268 -40.40 4.05 -9.64
CA GLU B 268 -41.49 3.51 -8.83
C GLU B 268 -41.11 3.39 -7.36
N PRO B 269 -42.02 3.81 -6.46
CA PRO B 269 -41.83 3.76 -5.02
C PRO B 269 -41.31 2.40 -4.52
N GLU B 270 -41.50 1.36 -5.33
CA GLU B 270 -41.04 0.03 -4.96
C GLU B 270 -39.52 -0.06 -5.00
N PHE B 271 -38.89 0.86 -5.72
CA PHE B 271 -37.44 0.89 -5.84
C PHE B 271 -36.85 2.17 -5.24
N SER B 272 -37.48 3.30 -5.58
CA SER B 272 -37.00 4.58 -5.12
C SER B 272 -38.07 5.46 -4.49
N ALA B 273 -37.65 6.66 -4.10
CA ALA B 273 -38.53 7.64 -3.49
C ALA B 273 -38.10 9.00 -4.05
N LYS B 274 -39.07 9.89 -4.25
CA LYS B 274 -38.78 11.21 -4.78
C LYS B 274 -38.99 12.26 -3.70
N LYS B 275 -37.96 13.09 -3.50
CA LYS B 275 -38.00 14.16 -2.49
C LYS B 275 -37.17 15.34 -3.00
N GLU B 276 -37.67 16.55 -2.76
CA GLU B 276 -36.98 17.76 -3.21
C GLU B 276 -36.65 17.62 -4.70
N GLY B 277 -37.47 16.82 -5.40
CA GLY B 277 -37.26 16.60 -6.81
C GLY B 277 -36.45 15.36 -7.16
N LYS B 278 -35.34 15.17 -6.46
CA LYS B 278 -34.43 14.04 -6.70
C LYS B 278 -35.03 12.63 -6.60
N VAL B 279 -34.35 11.69 -7.25
CA VAL B 279 -34.76 10.28 -7.25
C VAL B 279 -33.82 9.50 -6.34
N LEU B 280 -34.35 9.02 -5.22
CA LEU B 280 -33.56 8.27 -4.26
C LEU B 280 -33.81 6.76 -4.24
N PHE B 281 -32.96 6.02 -4.93
CA PHE B 281 -33.04 4.55 -4.99
C PHE B 281 -32.73 4.04 -3.57
N ASN B 282 -33.46 3.02 -3.11
CA ASN B 282 -33.25 2.46 -1.79
C ASN B 282 -31.93 1.67 -1.71
N ASN B 283 -30.97 2.20 -0.95
CA ASN B 283 -29.64 1.57 -0.79
C ASN B 283 -29.45 1.11 0.66
N THR B 284 -30.54 0.66 1.28
CA THR B 284 -30.49 0.18 2.66
C THR B 284 -29.37 -0.84 2.84
N LEU B 285 -28.58 -0.67 3.89
CA LEU B 285 -27.46 -1.55 4.16
C LEU B 285 -27.66 -2.45 5.36
N SER B 286 -27.04 -3.62 5.32
CA SER B 286 -27.12 -4.56 6.44
C SER B 286 -25.75 -4.73 7.08
N PHE B 287 -25.73 -4.67 8.40
CA PHE B 287 -24.52 -4.84 9.20
C PHE B 287 -24.65 -6.14 9.99
N ILE B 288 -23.80 -7.10 9.66
CA ILE B 288 -23.88 -8.39 10.33
C ILE B 288 -22.67 -8.62 11.21
N VAL B 289 -22.96 -8.85 12.48
CA VAL B 289 -21.91 -9.07 13.46
C VAL B 289 -21.94 -10.53 13.88
N ILE B 290 -20.84 -11.21 13.60
CA ILE B 290 -20.68 -12.61 13.92
C ILE B 290 -19.84 -12.77 15.18
N GLU B 291 -20.25 -13.67 16.08
CA GLU B 291 -19.52 -13.93 17.32
C GLU B 291 -18.49 -15.03 17.09
N ALA B 292 -17.38 -14.95 17.83
CA ALA B 292 -16.33 -15.96 17.73
C ALA B 292 -16.86 -17.34 18.09
#